data_1GVZ
#
_entry.id   1GVZ
#
_cell.length_a   72.668
_cell.length_b   79.104
_cell.length_c   45.783
_cell.angle_alpha   90.00
_cell.angle_beta   98.21
_cell.angle_gamma   90.00
#
_symmetry.space_group_name_H-M   'C 1 2 1'
#
loop_
_entity.id
_entity.type
_entity.pdbx_description
1 polymer KALLIKREIN-1E2
2 non-polymer GLYCEROL
3 non-polymer 'ACETATE ION'
4 water water
#
_entity_poly.entity_id   1
_entity_poly.type   'polypeptide(L)'
_entity_poly.pdbx_seq_one_letter_code
;IIGGWECEKHSKPWQVAVYHQGHFQCGGVLVHPQWVLTAAHCMSDDYQIWLGRHNLSKDEDTAQFHQVSDSFLDPQFDLS
LLKKKYLRPYDDISHDLMLLRLAQPARITDAVKILDLPTQEPKLGSTCYTSGWGLISTFTNRGSGTLQCVELRLQSNEKC
ARAYPEKMTEFVLCATHRDDSGSICLGDSGGALICDGVFQGITSWGYSECADFNDNFVFTKVMPHKKWIKETIEKNS
;
_entity_poly.pdbx_strand_id   A
#
# COMPACT_ATOMS: atom_id res chain seq x y z
N ILE A 1 4.92 -5.66 -7.98
CA ILE A 1 4.09 -5.53 -9.21
C ILE A 1 4.69 -6.40 -10.31
N ILE A 2 3.82 -7.14 -10.99
CA ILE A 2 4.24 -7.87 -12.20
C ILE A 2 3.63 -7.16 -13.39
N GLY A 3 4.43 -6.97 -14.42
CA GLY A 3 3.92 -6.37 -15.66
C GLY A 3 3.96 -4.86 -15.69
N GLY A 4 4.69 -4.26 -14.75
CA GLY A 4 4.86 -2.81 -14.70
C GLY A 4 6.15 -2.35 -15.31
N TRP A 5 6.59 -1.17 -14.90
CA TRP A 5 7.79 -0.55 -15.42
C TRP A 5 8.52 0.14 -14.29
N GLU A 6 9.81 0.37 -14.40
CA GLU A 6 10.55 1.04 -13.34
C GLU A 6 10.13 2.49 -13.25
N CYS A 7 9.68 2.91 -12.07
CA CYS A 7 9.26 4.30 -11.87
C CYS A 7 10.46 5.25 -12.01
N GLU A 8 10.18 6.50 -12.38
CA GLU A 8 11.23 7.52 -12.29
C GLU A 8 11.70 7.64 -10.84
N LYS A 9 13.01 7.76 -10.65
CA LYS A 9 13.59 7.77 -9.31
C LYS A 9 13.03 8.95 -8.51
N HIS A 10 12.51 8.66 -7.32
CA HIS A 10 11.95 9.69 -6.42
C HIS A 10 10.68 10.32 -6.92
N SER A 11 10.05 9.71 -7.91
CA SER A 11 8.76 10.19 -8.37
C SER A 11 7.61 9.82 -7.44
N LYS A 12 7.85 8.90 -6.50
CA LYS A 12 6.82 8.48 -5.51
C LYS A 12 7.43 8.70 -4.13
N PRO A 13 7.71 9.95 -3.75
CA PRO A 13 8.53 10.22 -2.56
C PRO A 13 7.84 9.91 -1.22
N TRP A 14 6.55 9.62 -1.28
CA TRP A 14 5.78 9.11 -0.14
C TRP A 14 5.91 7.61 0.05
N GLN A 15 6.59 6.90 -0.87
CA GLN A 15 6.62 5.45 -0.84
C GLN A 15 7.50 4.97 0.30
N VAL A 16 6.96 4.03 1.07
CA VAL A 16 7.68 3.47 2.19
C VAL A 16 8.08 2.03 1.91
N ALA A 17 9.24 1.64 2.46
CA ALA A 17 9.61 0.21 2.51
C ALA A 17 9.64 -0.26 3.95
N VAL A 18 8.84 -1.25 4.28
CA VAL A 18 8.75 -1.80 5.64
C VAL A 18 9.48 -3.12 5.68
N TYR A 19 10.50 -3.18 6.53
CA TYR A 19 11.34 -4.37 6.69
C TYR A 19 11.14 -4.98 8.08
N HIS A 20 11.51 -6.24 8.18
CA HIS A 20 11.56 -6.96 9.46
C HIS A 20 12.85 -7.76 9.49
N GLN A 21 13.73 -7.44 10.45
CA GLN A 21 14.98 -8.19 10.65
C GLN A 21 15.78 -8.28 9.37
N GLY A 22 15.82 -7.00 8.36
CA GLY A 22 16.60 -7.05 7.15
C GLY A 22 15.83 -7.69 6.01
N HIS A 23 14.62 -8.18 6.26
CA HIS A 23 13.81 -8.77 5.18
C HIS A 23 12.65 -7.88 4.80
N PHE A 24 12.56 -7.56 3.52
CA PHE A 24 11.47 -6.71 3.05
C PHE A 24 10.13 -7.35 3.30
N GLN A 25 9.18 -6.58 3.82
CA GLN A 25 7.84 -7.08 4.09
C GLN A 25 6.75 -6.45 3.23
N CYS A 26 6.64 -5.11 3.26
CA CYS A 26 5.63 -4.45 2.45
C CYS A 26 6.01 -3.02 2.19
N GLY A 27 5.15 -2.37 1.40
CA GLY A 27 5.23 -0.92 1.22
C GLY A 27 4.39 -0.18 2.24
N GLY A 28 4.09 1.08 1.92
CA GLY A 28 3.37 1.99 2.79
C GLY A 28 3.39 3.35 2.18
N VAL A 29 2.65 4.26 2.81
CA VAL A 29 2.54 5.68 2.38
C VAL A 29 2.87 6.60 3.56
N LEU A 30 3.80 7.51 3.35
CA LEU A 30 4.04 8.56 4.35
C LEU A 30 2.93 9.61 4.26
N VAL A 31 2.05 9.63 5.27
CA VAL A 31 0.88 10.55 5.25
C VAL A 31 1.04 11.78 6.17
N HIS A 32 2.10 11.79 6.97
CA HIS A 32 2.43 12.90 7.87
C HIS A 32 3.90 12.62 8.23
N PRO A 33 4.71 13.62 8.57
CA PRO A 33 6.10 13.34 8.94
C PRO A 33 6.24 12.26 10.02
N GLN A 34 5.24 12.09 10.86
CA GLN A 34 5.32 11.09 11.91
C GLN A 34 4.53 9.81 11.68
N TRP A 35 3.96 9.64 10.48
CA TRP A 35 3.00 8.55 10.27
C TRP A 35 3.08 7.87 8.92
N VAL A 36 3.07 6.54 8.95
CA VAL A 36 2.99 5.69 7.77
C VAL A 36 1.66 4.94 7.80
N LEU A 37 0.98 4.95 6.66
CA LEU A 37 -0.21 4.13 6.46
C LEU A 37 0.17 2.89 5.66
N THR A 38 -0.23 1.73 6.14
CA THR A 38 0.04 0.49 5.42
C THR A 38 -1.07 -0.53 5.71
N ALA A 39 -0.90 -1.78 5.28
CA ALA A 39 -1.93 -2.81 5.52
C ALA A 39 -1.75 -3.39 6.93
N ALA A 40 -2.88 -3.70 7.58
CA ALA A 40 -2.86 -4.38 8.89
C ALA A 40 -2.16 -5.73 8.85
N HIS A 41 -2.24 -6.46 7.73
CA HIS A 41 -1.55 -7.76 7.64
C HIS A 41 -0.02 -7.64 7.58
N CYS A 42 0.48 -6.42 7.52
CA CYS A 42 1.92 -6.17 7.52
C CYS A 42 2.41 -5.96 8.95
N MET A 43 1.39 -6.10 10.12
CA MET A 43 1.82 -6.00 11.51
C MET A 43 3.04 -6.88 11.77
N SER A 44 3.98 -6.34 12.56
CA SER A 44 5.14 -7.11 13.01
C SER A 44 5.53 -6.67 14.43
N ASP A 45 6.43 -7.42 15.05
CA ASP A 45 6.95 -7.04 16.38
C ASP A 45 8.19 -6.15 16.38
N ASP A 46 8.70 -5.80 15.19
CA ASP A 46 9.88 -4.93 15.14
C ASP A 46 10.07 -4.34 13.74
N TYR A 47 9.59 -3.12 13.55
CA TYR A 47 9.64 -2.48 12.25
C TYR A 47 10.96 -1.80 11.93
N GLN A 48 11.43 -1.97 10.69
CA GLN A 48 12.47 -1.10 10.18
C GLN A 48 11.87 -0.35 9.00
N ILE A 49 11.73 0.97 9.12
CA ILE A 49 11.04 1.76 8.10
C ILE A 49 12.07 2.52 7.28
N TRP A 50 11.97 2.39 5.97
CA TRP A 50 12.84 3.10 5.06
C TRP A 50 12.07 4.02 4.14
N LEU A 51 12.46 5.29 4.18
CA LEU A 51 11.95 6.31 3.29
C LEU A 51 13.03 6.66 2.26
N GLY A 52 12.62 7.28 1.17
CA GLY A 52 13.55 7.79 0.17
C GLY A 52 14.22 6.72 -0.68
N ARG A 53 13.63 5.53 -0.75
CA ARG A 53 14.29 4.44 -1.48
C ARG A 53 13.86 4.41 -2.94
N HIS A 54 14.76 3.87 -3.75
CA HIS A 54 14.45 3.52 -5.13
C HIS A 54 14.84 2.08 -5.44
N ASN A 55 16.14 1.79 -5.33
CA ASN A 55 16.66 0.44 -5.55
C ASN A 55 16.98 -0.18 -4.19
N LEU A 56 16.16 -1.13 -3.75
CA LEU A 56 16.37 -1.79 -2.46
C LEU A 56 17.64 -2.63 -2.42
N SER A 57 18.22 -2.90 -3.59
CA SER A 57 19.34 -3.83 -3.70
C SER A 57 20.68 -3.14 -3.49
N LYS A 58 20.65 -1.84 -3.24
CA LYS A 58 21.89 -1.13 -2.92
C LYS A 58 21.70 0.00 -1.95
N ASP A 59 22.81 0.49 -1.39
CA ASP A 59 22.78 1.59 -0.46
C ASP A 59 22.47 2.85 -1.24
N GLU A 60 21.64 3.71 -0.67
CA GLU A 60 21.24 4.96 -1.34
C GLU A 60 21.36 6.14 -0.41
N ASP A 61 21.93 7.22 -0.93
CA ASP A 61 22.16 8.39 -0.10
C ASP A 61 20.87 9.05 0.40
N THR A 62 19.78 8.92 -0.37
CA THR A 62 18.49 9.52 0.04
C THR A 62 17.73 8.68 1.05
N ALA A 63 18.23 7.48 1.32
CA ALA A 63 17.54 6.57 2.26
C ALA A 63 17.51 7.16 3.66
N GLN A 64 16.35 7.06 4.32
CA GLN A 64 16.15 7.55 5.67
C GLN A 64 15.55 6.43 6.51
N PHE A 65 16.23 6.08 7.58
CA PHE A 65 15.87 4.98 8.48
C PHE A 65 15.05 5.46 9.66
N HIS A 66 13.95 4.74 9.96
CA HIS A 66 13.05 5.07 11.06
C HIS A 66 12.60 3.83 11.80
N GLN A 67 12.48 3.98 13.11
CA GLN A 67 11.78 3.02 13.96
C GLN A 67 10.37 3.50 14.24
N VAL A 68 9.56 2.59 14.78
CA VAL A 68 8.15 2.83 15.03
C VAL A 68 7.91 2.81 16.55
N SER A 69 7.13 3.77 17.03
CA SER A 69 6.80 3.82 18.45
C SER A 69 5.49 3.13 18.80
N ASP A 70 4.53 3.12 17.86
CA ASP A 70 3.18 2.59 18.14
C ASP A 70 2.54 2.17 16.84
N SER A 71 1.63 1.18 16.91
CA SER A 71 0.80 0.77 15.78
C SER A 71 -0.68 0.98 16.14
N PHE A 72 -1.48 1.36 15.16
CA PHE A 72 -2.93 1.55 15.34
C PHE A 72 -3.64 0.86 14.18
N LEU A 73 -4.40 -0.20 14.47
CA LEU A 73 -5.15 -0.91 13.44
C LEU A 73 -6.55 -0.36 13.32
N ASP A 74 -7.11 -0.42 12.12
CA ASP A 74 -8.51 -0.10 11.94
C ASP A 74 -9.26 -0.98 12.96
N PRO A 75 -10.08 -0.37 13.81
CA PRO A 75 -10.76 -1.16 14.87
C PRO A 75 -11.70 -2.25 14.35
N GLN A 76 -12.08 -2.19 13.08
CA GLN A 76 -12.98 -3.17 12.47
C GLN A 76 -12.24 -4.30 11.75
N PHE A 77 -10.92 -4.23 11.72
CA PHE A 77 -10.15 -5.33 11.16
C PHE A 77 -10.36 -6.58 12.02
N ASP A 78 -10.57 -7.72 11.37
CA ASP A 78 -10.76 -8.97 12.10
C ASP A 78 -9.41 -9.48 12.60
N LEU A 79 -9.16 -9.32 13.90
CA LEU A 79 -7.85 -9.66 14.46
C LEU A 79 -7.44 -11.13 14.32
N SER A 80 -8.41 -12.02 14.13
CA SER A 80 -8.10 -13.44 13.96
C SER A 80 -7.34 -13.70 12.65
N LEU A 81 -7.37 -12.72 11.75
CA LEU A 81 -6.61 -12.81 10.50
C LEU A 81 -5.10 -12.71 10.74
N LEU A 82 -4.72 -12.11 11.86
CA LEU A 82 -3.30 -11.92 12.17
C LEU A 82 -2.56 -13.22 12.45
N LYS A 83 -3.32 -14.27 12.76
CA LYS A 83 -2.73 -15.58 13.02
C LYS A 83 -2.26 -16.28 11.74
N LYS A 84 -2.78 -15.84 10.58
CA LYS A 84 -2.47 -16.48 9.31
C LYS A 84 -1.21 -15.87 8.69
N LYS A 85 -0.32 -16.71 8.19
CA LYS A 85 0.83 -16.19 7.45
C LYS A 85 0.39 -15.47 6.17
N TYR A 86 -0.63 -16.01 5.51
CA TYR A 86 -1.18 -15.41 4.31
C TYR A 86 -2.67 -15.30 4.38
N LEU A 87 -3.21 -14.16 3.97
CA LEU A 87 -4.65 -14.02 3.80
C LEU A 87 -5.10 -14.83 2.58
N ARG A 88 -6.41 -15.02 2.45
CA ARG A 88 -6.97 -15.80 1.35
C ARG A 88 -7.49 -14.81 0.29
N PRO A 89 -7.59 -15.25 -0.97
CA PRO A 89 -8.11 -14.36 -2.04
C PRO A 89 -9.53 -13.85 -1.78
N TYR A 90 -10.29 -14.52 -0.92
CA TYR A 90 -11.65 -14.08 -0.59
C TYR A 90 -11.73 -13.19 0.64
N ASP A 91 -10.61 -12.98 1.33
CA ASP A 91 -10.68 -12.21 2.57
C ASP A 91 -10.98 -10.73 2.29
N ASP A 92 -11.84 -10.16 3.09
CA ASP A 92 -12.26 -8.78 2.98
C ASP A 92 -11.09 -7.83 3.25
N ILE A 93 -10.83 -6.92 2.31
CA ILE A 93 -9.73 -5.95 2.46
C ILE A 93 -10.22 -4.58 2.98
N SER A 94 -11.52 -4.45 3.22
CA SER A 94 -12.14 -3.20 3.63
C SER A 94 -11.47 -2.49 4.78
N HIS A 95 -11.06 -3.26 5.80
CA HIS A 95 -10.53 -2.70 7.03
C HIS A 95 -9.08 -3.11 7.28
N ASP A 96 -8.41 -3.56 6.22
CA ASP A 96 -7.03 -4.06 6.34
C ASP A 96 -6.05 -2.89 6.26
N LEU A 97 -6.07 -2.08 7.31
CA LEU A 97 -5.38 -0.79 7.34
C LEU A 97 -4.77 -0.58 8.71
N MET A 98 -3.57 -0.03 8.74
CA MET A 98 -2.84 0.24 9.96
C MET A 98 -2.03 1.51 9.83
N LEU A 99 -2.05 2.33 10.89
CA LEU A 99 -1.16 3.48 11.01
C LEU A 99 0.01 3.16 11.92
N LEU A 100 1.21 3.48 11.45
CA LEU A 100 2.44 3.33 12.24
C LEU A 100 2.97 4.71 12.60
N ARG A 101 3.11 4.96 13.91
CA ARG A 101 3.69 6.20 14.36
C ARG A 101 5.20 6.05 14.43
N LEU A 102 5.89 6.94 13.72
CA LEU A 102 7.35 6.95 13.72
C LEU A 102 7.89 7.52 15.03
N ALA A 103 8.94 6.89 15.53
CA ALA A 103 9.60 7.36 16.75
C ALA A 103 10.15 8.79 16.61
N GLN A 104 10.66 9.11 15.41
CA GLN A 104 11.18 10.44 15.07
C GLN A 104 10.56 10.88 13.76
N PRO A 105 10.21 12.16 13.60
CA PRO A 105 9.58 12.61 12.36
C PRO A 105 10.52 12.46 11.16
N ALA A 106 9.93 12.15 10.01
CA ALA A 106 10.68 12.17 8.75
C ALA A 106 11.19 13.58 8.46
N ARG A 107 12.37 13.65 7.89
CA ARG A 107 12.89 14.90 7.35
C ARG A 107 12.42 15.02 5.91
N ILE A 108 11.73 16.11 5.59
CA ILE A 108 11.18 16.29 4.25
C ILE A 108 12.29 16.76 3.31
N THR A 109 12.45 16.05 2.19
CA THR A 109 13.48 16.34 1.19
C THR A 109 12.87 16.14 -0.20
N ASP A 110 13.67 16.31 -1.26
CA ASP A 110 13.23 15.95 -2.61
C ASP A 110 12.78 14.49 -2.71
N ALA A 111 13.38 13.63 -1.90
CA ALA A 111 13.14 12.19 -1.99
C ALA A 111 12.12 11.68 -0.99
N VAL A 112 11.75 12.52 -0.01
CA VAL A 112 10.88 12.10 1.10
C VAL A 112 9.81 13.16 1.32
N LYS A 113 8.58 12.85 0.94
CA LYS A 113 7.48 13.82 1.02
C LYS A 113 6.22 13.09 1.45
N ILE A 114 5.31 13.82 2.07
CA ILE A 114 4.02 13.22 2.40
C ILE A 114 3.10 13.22 1.20
N LEU A 115 2.11 12.33 1.24
CA LEU A 115 1.05 12.29 0.25
C LEU A 115 -0.25 12.76 0.91
N ASP A 116 -0.83 13.80 0.33
CA ASP A 116 -2.05 14.38 0.92
C ASP A 116 -3.23 13.42 0.81
N LEU A 117 -4.12 13.45 1.80
CA LEU A 117 -5.35 12.68 1.74
C LEU A 117 -6.32 13.26 0.70
N PRO A 118 -7.23 12.45 0.15
CA PRO A 118 -8.15 12.93 -0.90
C PRO A 118 -9.14 13.99 -0.37
N THR A 119 -9.49 14.95 -1.23
CA THR A 119 -10.50 15.97 -0.86
C THR A 119 -11.79 15.86 -1.66
N GLN A 120 -11.93 14.80 -2.46
CA GLN A 120 -13.16 14.55 -3.20
C GLN A 120 -13.20 13.10 -3.64
N GLU A 121 -14.39 12.61 -3.96
CA GLU A 121 -14.58 11.24 -4.39
C GLU A 121 -13.86 11.02 -5.72
N PRO A 122 -13.31 9.82 -5.95
CA PRO A 122 -12.70 9.54 -7.24
C PRO A 122 -13.77 9.37 -8.31
N LYS A 123 -13.28 9.97 -9.82
CA LYS A 123 -14.26 9.80 -10.86
C LYS A 123 -13.93 8.53 -11.64
N LEU A 124 -14.98 7.77 -11.95
CA LEU A 124 -14.83 6.62 -12.81
C LEU A 124 -14.20 7.05 -14.12
N GLY A 125 -13.30 6.21 -14.59
CA GLY A 125 -12.61 6.43 -15.84
C GLY A 125 -11.32 7.22 -15.71
N SER A 126 -10.99 7.68 -14.50
CA SER A 126 -9.72 8.36 -14.29
C SER A 126 -8.51 7.42 -14.45
N THR A 127 -7.38 8.02 -14.76
CA THR A 127 -6.12 7.25 -14.86
C THR A 127 -5.47 7.19 -13.49
N CYS A 128 -4.98 6.02 -13.12
CA CYS A 128 -4.38 5.84 -11.81
C CYS A 128 -3.01 5.21 -11.95
N TYR A 129 -2.19 5.41 -10.92
CA TYR A 129 -0.87 4.78 -10.82
C TYR A 129 -0.73 4.18 -9.44
N THR A 130 -0.08 3.04 -9.37
CA THR A 130 0.38 2.53 -8.07
C THR A 130 1.83 2.06 -8.20
N SER A 131 2.49 1.90 -7.06
CA SER A 131 3.91 1.58 -7.06
C SER A 131 4.23 0.56 -5.97
N GLY A 132 5.30 -0.19 -6.19
CA GLY A 132 5.78 -1.11 -5.15
C GLY A 132 6.93 -1.97 -5.62
N TRP A 133 7.48 -2.71 -4.66
CA TRP A 133 8.61 -3.58 -4.92
C TRP A 133 8.22 -5.06 -4.86
N GLY A 134 6.94 -5.36 -4.76
CA GLY A 134 6.50 -6.73 -4.53
C GLY A 134 6.93 -7.68 -5.63
N LEU A 135 7.47 -8.85 -5.24
CA LEU A 135 7.97 -9.85 -6.19
C LEU A 135 7.04 -11.05 -6.23
N ILE A 136 7.14 -11.82 -7.31
CA ILE A 136 6.37 -13.05 -7.44
C ILE A 136 6.82 -14.12 -6.41
N SER A 137 8.03 -13.93 -5.91
CA SER A 137 8.69 -14.86 -4.99
C SER A 137 8.24 -14.63 -3.57
N THR A 138 6.95 -14.77 -3.33
CA THR A 138 6.36 -14.30 -2.06
C THR A 138 6.77 -15.13 -0.84
N PHE A 139 7.27 -16.35 -1.07
CA PHE A 139 7.70 -17.21 0.03
C PHE A 139 9.15 -16.99 0.45
N THR A 140 9.93 -16.31 -0.40
CA THR A 140 11.38 -16.23 -0.21
C THR A 140 11.97 -14.82 -0.17
N ASN A 141 11.48 -13.94 -1.03
CA ASN A 141 11.90 -12.56 -1.02
C ASN A 141 10.72 -11.75 -1.50
N ARG A 142 10.11 -11.01 -0.58
CA ARG A 142 8.85 -10.32 -0.87
C ARG A 142 9.03 -9.04 -1.68
N GLY A 143 10.23 -8.47 -1.69
CA GLY A 143 10.47 -7.24 -2.42
C GLY A 143 11.94 -6.95 -2.53
N SER A 144 12.38 -6.50 -3.71
CA SER A 144 13.76 -6.13 -3.92
C SER A 144 13.87 -5.30 -5.21
N GLY A 145 15.08 -4.88 -5.55
CA GLY A 145 15.34 -4.14 -6.77
C GLY A 145 14.66 -2.77 -6.84
N THR A 146 14.37 -2.34 -8.06
CA THR A 146 13.88 -0.98 -8.29
C THR A 146 12.37 -0.89 -8.17
N LEU A 147 11.93 0.27 -7.68
CA LEU A 147 10.51 0.52 -7.50
C LEU A 147 9.78 0.47 -8.82
N GLN A 148 8.71 -0.31 -8.87
CA GLN A 148 7.93 -0.52 -10.07
C GLN A 148 6.63 0.26 -9.99
N CYS A 149 6.13 0.61 -11.17
CA CYS A 149 4.90 1.37 -11.32
C CYS A 149 4.01 0.72 -12.37
N VAL A 150 2.73 1.06 -12.34
CA VAL A 150 1.80 0.55 -13.34
C VAL A 150 0.72 1.59 -13.54
N GLU A 151 0.25 1.72 -14.77
CA GLU A 151 -0.91 2.58 -15.08
C GLU A 151 -2.18 1.75 -15.14
N LEU A 152 -3.25 2.29 -14.55
CA LEU A 152 -4.54 1.62 -14.42
C LEU A 152 -5.66 2.58 -14.74
N ARG A 153 -6.87 2.07 -14.91
CA ARG A 153 -8.05 2.92 -15.07
C ARG A 153 -9.06 2.59 -13.96
N LEU A 154 -9.57 3.61 -13.29
CA LEU A 154 -10.57 3.41 -12.24
C LEU A 154 -11.89 3.02 -12.89
N GLN A 155 -12.43 1.88 -12.46
CA GLN A 155 -13.67 1.33 -13.03
C GLN A 155 -14.74 1.12 -11.96
N SER A 156 -15.99 0.94 -12.40
CA SER A 156 -17.06 0.57 -11.48
C SER A 156 -16.67 -0.69 -10.73
N ASN A 157 -16.99 -0.75 -9.45
CA ASN A 157 -16.56 -1.88 -8.63
C ASN A 157 -16.97 -3.24 -9.18
N GLU A 158 -18.13 -3.30 -9.84
CA GLU A 158 -18.59 -4.61 -10.33
C GLU A 158 -17.64 -5.25 -11.34
N LYS A 159 -16.82 -4.42 -12.01
CA LYS A 159 -15.84 -4.97 -12.95
C LYS A 159 -14.80 -5.89 -12.28
N CYS A 160 -14.56 -5.70 -11.00
CA CYS A 160 -13.59 -6.49 -10.22
C CYS A 160 -14.26 -7.55 -9.34
N ALA A 161 -15.59 -7.66 -9.42
CA ALA A 161 -16.35 -8.41 -8.41
C ALA A 161 -16.71 -9.86 -8.80
N ARG A 162 -16.40 -10.28 -10.00
CA ARG A 162 -16.97 -11.52 -10.53
C ARG A 162 -16.44 -12.77 -9.81
N ALA A 163 -15.16 -12.75 -9.45
CA ALA A 163 -14.56 -13.92 -8.80
C ALA A 163 -14.94 -14.03 -7.32
N TYR A 164 -14.96 -12.90 -6.61
CA TYR A 164 -15.29 -12.86 -5.17
C TYR A 164 -16.25 -11.71 -4.93
N PRO A 165 -17.54 -11.87 -5.28
CA PRO A 165 -18.47 -10.74 -5.15
C PRO A 165 -18.64 -10.23 -3.73
N GLU A 166 -18.39 -11.09 -2.75
CA GLU A 166 -18.52 -10.72 -1.35
C GLU A 166 -17.48 -9.66 -0.93
N LYS A 167 -16.45 -9.50 -1.75
CA LYS A 167 -15.41 -8.50 -1.46
C LYS A 167 -15.79 -7.10 -1.93
N MET A 168 -16.87 -6.99 -2.72
CA MET A 168 -17.37 -5.68 -3.14
C MET A 168 -18.08 -4.93 -2.01
N THR A 169 -17.43 -3.89 -1.48
CA THR A 169 -17.97 -3.09 -0.39
C THR A 169 -17.76 -1.61 -0.69
N GLU A 170 -18.22 -0.75 0.21
CA GLU A 170 -17.99 0.69 0.10
C GLU A 170 -16.56 1.08 0.44
N PHE A 171 -15.73 0.11 0.79
CA PHE A 171 -14.37 0.36 1.26
C PHE A 171 -13.31 -0.13 0.29
N VAL A 172 -13.69 -0.40 -0.95
CA VAL A 172 -12.74 -0.87 -1.97
C VAL A 172 -12.88 -0.12 -3.26
N LEU A 173 -11.80 -0.20 -4.06
CA LEU A 173 -11.80 0.35 -5.42
C LEU A 173 -11.43 -0.73 -6.43
N CYS A 174 -11.80 -0.48 -7.68
CA CYS A 174 -11.52 -1.37 -8.80
C CYS A 174 -10.72 -0.58 -9.83
N ALA A 175 -9.48 -0.96 -10.06
CA ALA A 175 -8.65 -0.26 -11.04
C ALA A 175 -8.01 -1.28 -11.95
N THR A 176 -8.35 -1.21 -13.23
CA THR A 176 -8.04 -2.29 -14.18
C THR A 176 -6.84 -1.93 -15.04
N HIS A 177 -6.33 -2.95 -15.71
CA HIS A 177 -5.15 -2.84 -16.55
C HIS A 177 -5.45 -3.43 -17.94
N ARG A 178 -4.66 -3.02 -18.92
CA ARG A 178 -5.00 -3.17 -20.35
C ARG A 178 -5.33 -4.58 -20.81
N ASP A 179 -4.78 -5.57 -20.12
CA ASP A 179 -4.97 -6.97 -20.46
C ASP A 179 -4.67 -7.75 -19.18
N ASP A 180 -4.52 -9.07 -19.28
CA ASP A 180 -4.20 -9.91 -18.13
C ASP A 180 -2.73 -9.84 -17.69
N SER A 181 -2.03 -8.82 -18.21
CA SER A 181 -0.58 -8.67 -18.11
C SER A 181 -0.07 -8.14 -16.77
N GLY A 182 -0.96 -7.61 -15.94
CA GLY A 182 -0.52 -6.94 -14.71
C GLY A 182 -1.05 -7.61 -13.47
N SER A 183 -0.19 -7.74 -12.45
CA SER A 183 -0.66 -8.24 -11.16
C SER A 183 0.03 -7.51 -10.02
N ILE A 184 -0.64 -7.57 -8.87
CA ILE A 184 -0.12 -7.01 -7.64
C ILE A 184 0.31 -8.17 -6.75
N CYS A 185 1.35 -7.94 -5.96
CA CYS A 185 1.87 -9.00 -5.11
C CYS A 185 1.85 -8.55 -3.67
N LEU A 186 1.95 -9.52 -2.77
CA LEU A 186 1.87 -9.30 -1.34
C LEU A 186 2.74 -8.11 -0.89
N GLY A 187 3.96 -8.06 -1.39
CA GLY A 187 4.92 -7.05 -0.96
C GLY A 187 4.56 -5.64 -1.43
N ASP A 188 3.63 -5.53 -2.39
CA ASP A 188 3.11 -4.22 -2.79
C ASP A 188 2.15 -3.62 -1.79
N SER A 189 1.68 -4.40 -0.83
CA SER A 189 0.73 -3.91 0.18
C SER A 189 1.24 -2.58 0.76
N GLY A 190 0.32 -1.64 0.93
CA GLY A 190 0.65 -0.32 1.46
C GLY A 190 0.99 0.70 0.41
N GLY A 191 1.04 0.33 -0.86
CA GLY A 191 1.32 1.30 -1.91
C GLY A 191 0.13 2.21 -2.22
N ALA A 192 0.40 3.49 -2.41
CA ALA A 192 -0.69 4.39 -2.80
C ALA A 192 -1.20 4.14 -4.19
N LEU A 193 -2.51 4.23 -4.36
CA LEU A 193 -3.17 4.30 -5.66
C LEU A 193 -3.58 5.75 -5.85
N ILE A 194 -3.01 6.41 -6.86
CA ILE A 194 -3.26 7.82 -7.10
C ILE A 194 -3.98 7.96 -8.44
N CYS A 195 -5.19 8.50 -8.37
CA CYS A 195 -6.13 8.55 -9.48
C CYS A 195 -6.41 10.02 -9.80
N ASP A 196 -6.18 10.41 -11.06
CA ASP A 196 -6.26 11.82 -11.43
C ASP A 196 -5.47 12.70 -10.47
N GLY A 197 -4.30 12.23 -10.06
CA GLY A 197 -3.41 13.02 -9.23
C GLY A 197 -3.76 13.08 -7.76
N VAL A 198 -4.81 12.26 -7.28
CA VAL A 198 -5.24 12.29 -5.89
C VAL A 198 -5.10 10.89 -5.30
N PHE A 199 -4.57 10.83 -4.08
CA PHE A 199 -4.48 9.59 -3.30
C PHE A 199 -5.88 9.05 -3.02
N GLN A 200 -6.23 7.91 -3.61
CA GLN A 200 -7.60 7.39 -3.47
C GLN A 200 -7.69 5.99 -2.93
N GLY A 201 -6.60 5.23 -3.06
CA GLY A 201 -6.61 3.83 -2.65
C GLY A 201 -5.28 3.45 -2.06
N ILE A 202 -5.24 2.32 -1.37
CA ILE A 202 -3.98 1.78 -0.88
C ILE A 202 -4.03 0.27 -1.05
N THR A 203 -2.93 -0.29 -1.55
CA THR A 203 -2.88 -1.72 -1.84
C THR A 203 -3.02 -2.52 -0.56
N SER A 204 -3.88 -3.54 -0.61
CA SER A 204 -4.00 -4.46 0.51
C SER A 204 -4.24 -5.85 -0.05
N TRP A 205 -3.14 -6.57 -0.29
CA TRP A 205 -3.22 -7.91 -0.85
C TRP A 205 -2.33 -8.78 0.00
N GLY A 206 -2.94 -9.77 0.64
CA GLY A 206 -2.21 -10.54 1.63
C GLY A 206 -1.98 -12.01 1.29
N TYR A 207 -2.39 -12.44 0.10
CA TYR A 207 -2.24 -13.82 -0.34
C TYR A 207 -0.88 -14.06 -0.97
N SER A 208 -0.46 -15.33 -0.98
CA SER A 208 0.85 -15.70 -1.51
C SER A 208 0.90 -15.70 -3.04
N GLU A 209 -0.24 -15.88 -3.69
CA GLU A 209 -0.28 -15.79 -5.14
C GLU A 209 -0.60 -14.34 -5.50
N CYS A 210 0.07 -13.81 -6.52
CA CYS A 210 -0.21 -12.46 -7.00
C CYS A 210 -1.60 -12.39 -7.65
N ALA A 211 -2.17 -11.19 -7.69
CA ALA A 211 -3.54 -10.96 -8.13
C ALA A 211 -3.59 -10.11 -9.39
N ASP A 212 -4.29 -10.60 -10.42
CA ASP A 212 -4.57 -9.78 -11.60
C ASP A 212 -5.48 -8.64 -11.16
N PHE A 213 -5.14 -7.43 -11.57
CA PHE A 213 -5.93 -6.22 -11.28
C PHE A 213 -7.36 -6.35 -11.76
N ASN A 214 -7.55 -7.08 -12.86
CA ASN A 214 -8.84 -7.14 -13.51
C ASN A 214 -9.84 -8.08 -12.85
N ASP A 215 -9.36 -8.94 -11.94
CA ASP A 215 -10.20 -10.01 -11.39
C ASP A 215 -10.34 -9.99 -9.88
N ASN A 216 -9.76 -8.96 -9.24
CA ASN A 216 -9.68 -8.92 -7.79
C ASN A 216 -9.79 -7.49 -7.28
N PHE A 217 -10.40 -7.35 -6.10
CA PHE A 217 -10.24 -6.10 -5.31
C PHE A 217 -8.93 -6.18 -4.55
N VAL A 218 -8.04 -5.25 -4.86
CA VAL A 218 -6.71 -5.20 -4.25
C VAL A 218 -6.40 -3.84 -3.64
N PHE A 219 -7.30 -2.86 -3.80
CA PHE A 219 -7.13 -1.52 -3.26
C PHE A 219 -8.24 -1.16 -2.27
N THR A 220 -7.80 -0.86 -1.05
CA THR A 220 -8.70 -0.35 -0.02
C THR A 220 -8.94 1.13 -0.31
N LYS A 221 -10.20 1.56 -0.29
CA LYS A 221 -10.55 2.93 -0.65
C LYS A 221 -10.26 3.88 0.54
N VAL A 222 -9.54 4.97 0.28
CA VAL A 222 -9.10 5.86 1.36
C VAL A 222 -10.23 6.77 1.93
N MET A 223 -11.10 7.29 1.07
CA MET A 223 -12.12 8.25 1.51
C MET A 223 -12.93 7.82 2.73
N PRO A 224 -13.50 6.60 2.79
CA PRO A 224 -14.31 6.21 3.96
C PRO A 224 -13.51 6.02 5.22
N HIS A 225 -12.18 6.06 5.14
CA HIS A 225 -11.32 5.93 6.30
C HIS A 225 -10.75 7.28 6.75
N LYS A 226 -11.12 8.37 6.10
CA LYS A 226 -10.57 9.72 6.42
C LYS A 226 -10.73 10.12 7.89
N LYS A 227 -11.93 9.93 8.44
CA LYS A 227 -12.17 10.35 9.82
C LYS A 227 -11.24 9.63 10.76
N TRP A 228 -11.18 8.30 10.65
CA TRP A 228 -10.32 7.52 11.53
C TRP A 228 -8.83 7.87 11.32
N ILE A 229 -8.39 7.99 10.07
CA ILE A 229 -6.99 8.29 9.83
C ILE A 229 -6.65 9.63 10.48
N LYS A 230 -7.44 10.67 10.17
CA LYS A 230 -7.18 12.02 10.68
C LYS A 230 -7.28 12.11 12.19
N GLU A 231 -8.28 11.45 12.78
CA GLU A 231 -8.47 11.51 14.23
C GLU A 231 -7.36 10.75 14.96
N THR A 232 -6.90 9.65 14.39
CA THR A 232 -5.82 8.90 15.00
C THR A 232 -4.52 9.69 15.03
N ILE A 233 -4.22 10.36 13.92
CA ILE A 233 -3.05 11.25 13.85
C ILE A 233 -3.17 12.43 14.83
N GLU A 234 -4.35 13.07 14.84
CA GLU A 234 -4.59 14.23 15.72
C GLU A 234 -4.39 13.85 17.18
N LYS A 235 -4.93 12.70 17.59
CA LYS A 235 -4.93 12.31 19.00
C LYS A 235 -3.59 11.75 19.51
N ASN A 236 -2.75 11.27 18.60
CA ASN A 236 -1.58 10.48 18.99
C ASN A 236 -0.21 10.99 18.57
N SER A 237 -0.16 12.15 17.92
CA SER A 237 1.11 12.69 17.44
C SER A 237 1.98 13.17 18.60
#